data_5OQ8
#
_entry.id   5OQ8
#
_cell.length_a   44.880
_cell.length_b   65.860
_cell.length_c   55.060
_cell.angle_alpha   90.000
_cell.angle_beta   99.580
_cell.angle_gamma   90.000
#
_symmetry.space_group_name_H-M   'P 1 21 1'
#
loop_
_entity.id
_entity.type
_entity.pdbx_description
1 polymer 'Serine/threonine-protein kinase Chk1'
2 non-polymer 5-(4-methylpiperazin-1-yl)-2-phenylmethoxy-~{N}-pyridin-3-yl-benzamide
3 water water
#
_entity_poly.entity_id   1
_entity_poly.type   'polypeptide(L)'
_entity_poly.pdbx_seq_one_letter_code
;MAVPFVEDWDLVQTLGEGSFGEVQLAVNRVTEEAVAVKIVDMKRAVDCPENIKKEICILKMLNHENVIKFYGHRREGNIQ
YLFMELASGGSLFDRIEPDIGMPEPDAQRFFHQLMAGVVYLHGIGITHRDIKPHNLLLDERDNLKIADYSLATVFRYNNR
ERLLNKMCGTLPYVAPELLKRREFHAEPVDVWSCGIVLTAMLAGELPWDQPSDSCQEYSDWKEKKTYLNPWKKIDSAPLA
LLHKILVENPSARITIPDIKKDRWYNKPLKKGAKRPRVTSGGVSESPSGHHHHHHHH
;
_entity_poly.pdbx_strand_id   A
#
loop_
_chem_comp.id
_chem_comp.type
_chem_comp.name
_chem_comp.formula
A0Q non-polymer 5-(4-methylpiperazin-1-yl)-2-phenylmethoxy-~{N}-pyridin-3-yl-benzamide 'C24 H26 N4 O2'
#
# COMPACT_ATOMS: atom_id res chain seq x y z
N PRO A 4 32.40 -7.68 6.02
CA PRO A 4 32.56 -6.80 4.87
C PRO A 4 31.46 -5.74 4.65
N PHE A 5 30.18 -6.01 4.94
CA PHE A 5 29.05 -5.06 4.65
C PHE A 5 29.40 -3.59 4.93
N VAL A 6 29.86 -3.31 6.15
CA VAL A 6 30.28 -1.95 6.49
C VAL A 6 31.42 -1.56 5.52
N GLU A 7 32.17 -2.49 4.96
CA GLU A 7 33.23 -2.19 4.00
C GLU A 7 32.77 -2.23 2.55
N ASP A 8 31.56 -2.74 2.30
CA ASP A 8 30.99 -2.76 0.96
C ASP A 8 29.97 -1.63 0.72
N TRP A 9 29.38 -1.14 1.80
CA TRP A 9 28.19 -0.31 1.71
C TRP A 9 28.32 0.71 2.77
N ASP A 10 27.93 1.93 2.41
CA ASP A 10 27.82 3.00 3.32
C ASP A 10 26.32 3.36 3.50
N LEU A 11 25.86 3.32 4.73
CA LEU A 11 24.52 3.72 5.08
C LEU A 11 24.43 5.20 5.18
N VAL A 12 23.93 5.82 4.14
CA VAL A 12 23.88 7.27 4.07
C VAL A 12 22.75 7.89 4.87
N GLN A 13 21.58 7.26 4.87
CA GLN A 13 20.47 7.89 5.55
C GLN A 13 19.26 7.01 5.75
N THR A 14 18.41 7.47 6.63
CA THR A 14 17.22 6.81 6.92
C THR A 14 16.17 7.11 5.87
N LEU A 15 15.51 6.05 5.40
CA LEU A 15 14.46 6.20 4.41
C LEU A 15 13.08 6.14 5.07
N GLY A 16 12.89 5.18 5.96
CA GLY A 16 11.68 5.14 6.77
C GLY A 16 11.71 3.90 7.63
N GLU A 17 10.59 3.56 8.25
CA GLU A 17 10.47 2.33 8.98
C GLU A 17 9.27 1.60 8.45
N GLY A 18 9.44 0.30 8.18
CA GLY A 18 8.34 -0.58 7.91
C GLY A 18 7.57 -0.85 9.19
N SER A 19 6.59 -1.74 9.12
CA SER A 19 5.81 -2.10 10.30
C SER A 19 6.72 -2.81 11.28
N PHE A 20 7.49 -3.78 10.77
CA PHE A 20 8.39 -4.55 11.59
C PHE A 20 9.84 -3.98 11.65
N GLY A 21 10.30 -3.16 10.69
CA GLY A 21 11.72 -2.78 10.64
C GLY A 21 12.04 -1.40 10.10
N GLU A 22 13.33 -1.11 9.92
CA GLU A 22 13.80 0.18 9.38
C GLU A 22 14.67 0.00 8.10
N VAL A 23 14.53 0.90 7.12
CA VAL A 23 15.31 0.80 5.89
C VAL A 23 16.15 2.05 5.62
N GLN A 24 17.34 1.83 5.04
CA GLN A 24 18.34 2.91 4.87
C GLN A 24 18.77 3.00 3.41
N LEU A 25 19.07 4.22 2.99
CA LEU A 25 19.68 4.44 1.69
C LEU A 25 21.11 3.95 1.88
N ALA A 26 21.53 2.98 1.07
CA ALA A 26 22.89 2.48 1.08
C ALA A 26 23.56 2.72 -0.28
N VAL A 27 24.79 3.24 -0.26
CA VAL A 27 25.55 3.43 -1.52
C VAL A 27 26.86 2.63 -1.50
N ASN A 28 27.08 1.87 -2.59
CA ASN A 28 28.20 0.96 -2.62
C ASN A 28 29.54 1.73 -2.67
N ARG A 29 30.50 1.28 -1.90
CA ARG A 29 31.77 1.96 -1.80
C ARG A 29 32.66 1.80 -3.00
N VAL A 30 32.38 0.87 -3.91
CA VAL A 30 33.13 0.78 -5.14
C VAL A 30 32.35 1.42 -6.24
N THR A 31 31.16 0.90 -6.52
CA THR A 31 30.36 1.34 -7.67
C THR A 31 29.62 2.68 -7.46
N GLU A 32 29.46 3.09 -6.21
CA GLU A 32 28.48 4.13 -5.84
C GLU A 32 27.01 3.78 -6.20
N GLU A 33 26.69 2.52 -6.52
CA GLU A 33 25.31 2.10 -6.78
C GLU A 33 24.49 2.36 -5.51
N ALA A 34 23.29 2.90 -5.68
CA ALA A 34 22.47 3.34 -4.54
C ALA A 34 21.34 2.38 -4.39
N VAL A 35 21.17 1.83 -3.20
CA VAL A 35 20.08 0.87 -2.98
C VAL A 35 19.40 1.14 -1.65
N ALA A 36 18.24 0.51 -1.49
CA ALA A 36 17.52 0.58 -0.23
C ALA A 36 17.82 -0.72 0.50
N VAL A 37 18.21 -0.59 1.76
CA VAL A 37 18.60 -1.76 2.54
C VAL A 37 17.80 -1.76 3.79
N LYS A 38 17.22 -2.91 4.07
CA LYS A 38 16.48 -3.11 5.31
C LYS A 38 17.37 -3.97 6.17
N ILE A 39 17.61 -3.51 7.38
CA ILE A 39 18.54 -4.21 8.26
C ILE A 39 17.77 -4.62 9.48
N VAL A 40 17.76 -5.91 9.79
CA VAL A 40 17.05 -6.36 10.99
C VAL A 40 17.98 -7.09 11.95
N ASP A 41 17.94 -6.67 13.20
CA ASP A 41 18.71 -7.32 14.25
C ASP A 41 17.93 -8.56 14.67
N MET A 42 18.43 -9.74 14.34
CA MET A 42 17.76 -10.96 14.78
C MET A 42 18.21 -11.30 16.20
N PRO A 49 9.58 -12.96 15.72
CA PRO A 49 11.03 -13.05 15.69
C PRO A 49 11.61 -13.45 14.29
N GLU A 50 11.21 -14.61 13.80
CA GLU A 50 11.54 -15.03 12.40
C GLU A 50 10.35 -14.73 11.45
N ASN A 51 9.63 -13.68 11.78
CA ASN A 51 8.81 -12.96 10.81
C ASN A 51 9.64 -12.65 9.57
N ILE A 52 10.87 -12.17 9.79
CA ILE A 52 11.80 -11.91 8.69
C ILE A 52 11.94 -13.04 7.70
N LYS A 53 11.99 -14.28 8.17
CA LYS A 53 12.11 -15.42 7.27
C LYS A 53 10.93 -15.42 6.29
N LYS A 54 9.74 -15.15 6.83
CA LYS A 54 8.54 -15.05 6.04
C LYS A 54 8.60 -13.84 5.05
N GLU A 55 9.03 -12.68 5.56
CA GLU A 55 9.20 -11.52 4.73
C GLU A 55 10.12 -11.78 3.52
N ILE A 56 11.27 -12.39 3.77
CA ILE A 56 12.20 -12.79 2.72
C ILE A 56 11.59 -13.72 1.70
N CYS A 57 10.87 -14.69 2.18
CA CYS A 57 10.33 -15.65 1.31
C CYS A 57 9.26 -15.02 0.40
N ILE A 58 8.49 -14.06 0.92
CA ILE A 58 7.53 -13.38 0.06
C ILE A 58 8.26 -12.44 -0.90
N LEU A 59 9.25 -11.72 -0.39
CA LEU A 59 10.04 -10.89 -1.26
C LEU A 59 10.62 -11.65 -2.47
N LYS A 60 11.04 -12.89 -2.26
CA LYS A 60 11.57 -13.74 -3.35
C LYS A 60 10.52 -14.05 -4.38
N MET A 61 9.25 -14.05 -4.01
CA MET A 61 8.17 -14.32 -5.01
C MET A 61 7.85 -13.18 -6.00
N LEU A 62 8.24 -11.95 -5.67
CA LEU A 62 7.76 -10.79 -6.38
C LEU A 62 8.43 -10.57 -7.71
N ASN A 63 7.65 -10.57 -8.77
CA ASN A 63 8.15 -10.19 -10.03
C ASN A 63 7.06 -9.48 -10.85
N HIS A 64 7.01 -8.16 -10.72
CA HIS A 64 6.02 -7.33 -11.40
C HIS A 64 6.44 -5.89 -11.46
N GLU A 65 6.02 -5.21 -12.52
CA GLU A 65 6.35 -3.78 -12.71
C GLU A 65 5.87 -2.82 -11.61
N ASN A 66 4.83 -3.20 -10.88
CA ASN A 66 4.28 -2.30 -9.88
C ASN A 66 4.50 -2.81 -8.44
N VAL A 67 5.55 -3.61 -8.27
CA VAL A 67 6.01 -4.12 -7.02
C VAL A 67 7.52 -3.83 -6.96
N ILE A 68 8.04 -3.46 -5.79
CA ILE A 68 9.48 -3.20 -5.67
C ILE A 68 10.30 -4.43 -6.01
N LYS A 69 11.49 -4.15 -6.45
CA LYS A 69 12.46 -5.15 -6.88
C LYS A 69 13.32 -5.57 -5.68
N PHE A 70 13.29 -6.86 -5.39
CA PHE A 70 14.13 -7.49 -4.38
C PHE A 70 15.47 -7.97 -4.95
N TYR A 71 16.58 -7.47 -4.41
CA TYR A 71 17.90 -7.86 -4.91
C TYR A 71 18.39 -9.11 -4.24
N GLY A 72 18.31 -9.18 -2.93
CA GLY A 72 18.62 -10.41 -2.23
C GLY A 72 18.97 -10.08 -0.81
N HIS A 73 19.49 -11.06 -0.08
CA HIS A 73 19.74 -10.88 1.37
C HIS A 73 21.12 -11.40 1.83
N ARG A 74 21.61 -10.85 2.93
CA ARG A 74 22.87 -11.26 3.54
C ARG A 74 22.65 -11.31 5.05
N ARG A 75 23.07 -12.40 5.70
CA ARG A 75 23.01 -12.53 7.16
C ARG A 75 24.44 -12.46 7.73
N GLU A 76 24.72 -11.47 8.56
CA GLU A 76 26.02 -11.41 9.24
C GLU A 76 25.77 -11.17 10.73
N GLY A 77 26.50 -11.89 11.59
CA GLY A 77 26.24 -11.87 13.04
C GLY A 77 24.83 -12.35 13.30
N ASN A 78 24.11 -11.63 14.17
CA ASN A 78 22.67 -11.85 14.33
C ASN A 78 21.84 -11.05 13.31
N ILE A 79 22.50 -10.10 12.63
CA ILE A 79 21.87 -9.10 11.77
C ILE A 79 21.58 -9.60 10.33
N GLN A 80 20.35 -9.34 9.84
CA GLN A 80 19.96 -9.66 8.48
C GLN A 80 19.91 -8.38 7.61
N TYR A 81 20.32 -8.51 6.35
CA TYR A 81 20.36 -7.40 5.40
C TYR A 81 19.49 -7.68 4.20
N LEU A 82 18.53 -6.80 3.92
CA LEU A 82 17.67 -6.98 2.74
C LEU A 82 17.88 -5.84 1.79
N PHE A 83 18.20 -6.19 0.57
CA PHE A 83 18.59 -5.21 -0.43
C PHE A 83 17.48 -5.09 -1.45
N MET A 84 17.13 -3.86 -1.79
CA MET A 84 16.09 -3.66 -2.77
C MET A 84 16.40 -2.44 -3.60
N GLU A 85 15.72 -2.37 -4.72
CA GLU A 85 15.79 -1.25 -5.63
C GLU A 85 15.36 -0.01 -4.94
N LEU A 86 16.19 1.02 -5.06
CA LEU A 86 15.86 2.35 -4.52
C LEU A 86 14.85 2.98 -5.48
N ALA A 87 13.87 3.67 -4.94
CA ALA A 87 12.82 4.27 -5.75
C ALA A 87 13.28 5.68 -5.92
N SER A 88 13.80 6.00 -7.09
CA SER A 88 14.41 7.35 -7.27
C SER A 88 13.38 8.44 -7.22
N GLY A 89 12.10 8.13 -7.44
CA GLY A 89 11.03 9.12 -7.29
C GLY A 89 10.46 9.41 -5.90
N GLY A 90 10.93 8.71 -4.86
CA GLY A 90 10.36 8.91 -3.53
C GLY A 90 9.03 8.16 -3.41
N SER A 91 8.22 8.60 -2.48
CA SER A 91 6.97 7.93 -2.19
C SER A 91 5.87 8.77 -2.70
N LEU A 92 4.72 8.14 -2.80
CA LEU A 92 3.55 8.77 -3.31
C LEU A 92 3.09 9.83 -2.30
N PHE A 93 3.38 9.57 -1.02
CA PHE A 93 2.96 10.47 0.06
C PHE A 93 3.41 11.90 -0.23
N ASP A 94 4.59 12.02 -0.80
CA ASP A 94 5.16 13.34 -1.10
C ASP A 94 4.59 13.99 -2.31
N ARG A 95 3.73 13.33 -3.04
CA ARG A 95 3.09 13.96 -4.22
C ARG A 95 1.71 14.45 -3.83
N ILE A 96 1.28 14.15 -2.63
CA ILE A 96 -0.02 14.58 -2.21
C ILE A 96 0.11 15.91 -1.51
N GLU A 97 -0.48 16.92 -2.08
CA GLU A 97 -0.45 18.22 -1.44
C GLU A 97 -1.53 18.29 -0.38
N PRO A 98 -1.16 18.57 0.87
CA PRO A 98 -2.18 18.57 1.92
C PRO A 98 -3.28 19.54 1.60
N ASP A 99 -4.50 19.08 1.81
CA ASP A 99 -5.74 19.77 1.53
C ASP A 99 -6.13 19.89 0.07
N ILE A 100 -5.26 19.47 -0.88
CA ILE A 100 -5.49 19.58 -2.30
C ILE A 100 -5.46 18.22 -3.01
N GLY A 101 -4.41 17.43 -2.78
CA GLY A 101 -4.29 16.14 -3.40
C GLY A 101 -3.34 16.30 -4.56
N MET A 102 -3.80 15.95 -5.75
CA MET A 102 -3.01 16.08 -6.94
C MET A 102 -3.99 16.19 -8.11
N PRO A 103 -3.49 16.57 -9.26
CA PRO A 103 -4.38 16.57 -10.44
C PRO A 103 -5.00 15.19 -10.72
N GLU A 104 -6.31 15.19 -10.96
CA GLU A 104 -7.10 14.04 -11.19
C GLU A 104 -6.50 13.05 -12.22
N PRO A 105 -5.87 13.57 -13.29
CA PRO A 105 -5.27 12.59 -14.19
C PRO A 105 -4.03 11.91 -13.57
N ASP A 106 -3.23 12.61 -12.79
CA ASP A 106 -2.10 11.90 -12.14
C ASP A 106 -2.63 10.82 -11.15
N ALA A 107 -3.67 11.16 -10.40
CA ALA A 107 -4.31 10.26 -9.51
C ALA A 107 -4.80 9.00 -10.20
N GLN A 108 -5.56 9.18 -11.29
CA GLN A 108 -6.02 8.07 -12.03
C GLN A 108 -4.91 7.14 -12.53
N ARG A 109 -3.85 7.70 -13.04
CA ARG A 109 -2.75 6.89 -13.51
C ARG A 109 -2.12 6.09 -12.34
N PHE A 110 -1.91 6.76 -11.20
CA PHE A 110 -1.35 6.04 -10.08
C PHE A 110 -2.32 5.00 -9.59
N PHE A 111 -3.62 5.30 -9.61
CA PHE A 111 -4.60 4.32 -9.18
C PHE A 111 -4.60 3.10 -10.16
N HIS A 112 -4.49 3.33 -11.46
CA HIS A 112 -4.36 2.22 -12.44
C HIS A 112 -3.18 1.32 -12.08
N GLN A 113 -2.08 1.95 -11.73
CA GLN A 113 -0.89 1.22 -11.40
C GLN A 113 -0.99 0.48 -10.05
N LEU A 114 -1.58 1.13 -9.04
CA LEU A 114 -1.84 0.49 -7.81
C LEU A 114 -2.70 -0.74 -8.02
N MET A 115 -3.74 -0.65 -8.84
CA MET A 115 -4.59 -1.76 -9.06
C MET A 115 -3.84 -2.86 -9.79
N ALA A 116 -2.99 -2.50 -10.73
CA ALA A 116 -2.20 -3.51 -11.38
C ALA A 116 -1.35 -4.27 -10.33
N GLY A 117 -0.68 -3.53 -9.43
CA GLY A 117 0.18 -4.20 -8.43
C GLY A 117 -0.63 -5.08 -7.48
N VAL A 118 -1.79 -4.59 -7.06
CA VAL A 118 -2.59 -5.31 -6.14
C VAL A 118 -3.15 -6.56 -6.80
N VAL A 119 -3.70 -6.45 -8.01
CA VAL A 119 -4.10 -7.66 -8.79
C VAL A 119 -3.00 -8.69 -8.87
N TYR A 120 -1.81 -8.25 -9.16
CA TYR A 120 -0.69 -9.15 -9.19
C TYR A 120 -0.51 -9.90 -7.86
N LEU A 121 -0.40 -9.15 -6.75
CA LEU A 121 -0.20 -9.76 -5.44
C LEU A 121 -1.26 -10.75 -5.10
N HIS A 122 -2.51 -10.38 -5.34
CA HIS A 122 -3.60 -11.20 -4.95
C HIS A 122 -3.64 -12.47 -5.83
N GLY A 123 -3.18 -12.36 -7.07
CA GLY A 123 -3.12 -13.50 -7.97
C GLY A 123 -2.00 -14.44 -7.52
N ILE A 124 -1.00 -13.98 -6.81
CA ILE A 124 -0.05 -14.96 -6.24
C ILE A 124 -0.44 -15.35 -4.82
N GLY A 125 -1.59 -14.91 -4.36
CA GLY A 125 -2.16 -15.34 -3.13
C GLY A 125 -1.55 -14.59 -1.96
N ILE A 126 -1.07 -13.38 -2.21
CA ILE A 126 -0.46 -12.55 -1.20
C ILE A 126 -1.35 -11.28 -0.96
N THR A 127 -1.49 -10.97 0.32
CA THR A 127 -2.09 -9.75 0.73
C THR A 127 -1.07 -8.91 1.40
N HIS A 128 -1.02 -7.62 1.01
CA HIS A 128 -0.07 -6.68 1.54
C HIS A 128 -0.36 -6.19 2.98
N ARG A 129 -1.63 -5.90 3.23
CA ARG A 129 -2.13 -5.48 4.54
C ARG A 129 -1.77 -4.11 5.06
N ASP A 130 -1.07 -3.30 4.31
CA ASP A 130 -0.72 -1.98 4.79
C ASP A 130 -0.52 -1.03 3.67
N ILE A 131 -1.44 -1.06 2.74
CA ILE A 131 -1.38 -0.16 1.60
C ILE A 131 -1.70 1.24 2.06
N LYS A 132 -0.77 2.15 1.80
CA LYS A 132 -0.96 3.54 2.09
C LYS A 132 0.09 4.32 1.33
N PRO A 133 -0.05 5.66 1.21
CA PRO A 133 0.92 6.36 0.31
C PRO A 133 2.36 6.30 0.70
N HIS A 134 2.66 6.20 2.01
CA HIS A 134 4.04 5.91 2.45
C HIS A 134 4.69 4.69 1.88
N ASN A 135 3.93 3.64 1.61
CA ASN A 135 4.45 2.35 1.08
C ASN A 135 4.32 2.27 -0.45
N LEU A 136 3.90 3.34 -1.11
CA LEU A 136 3.73 3.34 -2.58
C LEU A 136 4.81 4.24 -3.13
N LEU A 137 5.76 3.65 -3.82
CA LEU A 137 6.98 4.39 -4.20
C LEU A 137 6.99 4.67 -5.69
N LEU A 138 7.87 5.61 -6.11
CA LEU A 138 7.89 6.01 -7.52
C LEU A 138 9.32 5.82 -8.09
N ASP A 139 9.41 5.26 -9.27
CA ASP A 139 10.67 5.14 -9.98
C ASP A 139 10.88 6.42 -10.79
N GLU A 140 11.98 6.43 -11.55
CA GLU A 140 12.39 7.57 -12.39
C GLU A 140 11.32 8.01 -13.35
N ARG A 141 10.50 7.11 -13.87
CA ARG A 141 9.41 7.51 -14.78
C ARG A 141 8.06 7.66 -14.06
N ASP A 142 8.09 7.90 -12.74
CA ASP A 142 6.89 7.92 -11.91
C ASP A 142 5.95 6.70 -12.02
N ASN A 143 6.51 5.54 -12.27
CA ASN A 143 5.77 4.32 -12.12
C ASN A 143 5.72 3.89 -10.67
N LEU A 144 4.50 3.55 -10.24
CA LEU A 144 4.24 3.29 -8.86
C LEU A 144 4.68 1.89 -8.52
N LYS A 145 5.22 1.74 -7.33
CA LYS A 145 5.67 0.42 -6.88
C LYS A 145 5.21 0.15 -5.45
N ILE A 146 4.56 -0.99 -5.21
CA ILE A 146 4.08 -1.31 -3.91
C ILE A 146 5.28 -1.84 -3.15
N ALA A 147 5.61 -1.18 -2.02
CA ALA A 147 6.69 -1.59 -1.13
C ALA A 147 6.22 -2.03 0.25
N ASP A 148 7.17 -2.59 0.99
CA ASP A 148 7.09 -3.00 2.38
C ASP A 148 6.21 -4.25 2.57
N TYR A 149 6.86 -5.40 2.59
CA TYR A 149 6.21 -6.67 2.75
C TYR A 149 6.30 -7.20 4.16
N SER A 150 6.55 -6.32 5.11
CA SER A 150 6.67 -6.78 6.52
C SER A 150 5.36 -7.28 7.13
N LEU A 151 4.21 -6.77 6.68
CA LEU A 151 2.96 -7.39 7.12
C LEU A 151 2.37 -8.30 6.10
N ALA A 152 2.96 -8.44 4.95
CA ALA A 152 2.34 -9.26 3.92
C ALA A 152 2.20 -10.71 4.39
N THR A 153 1.21 -11.39 3.87
CA THR A 153 1.00 -12.79 4.21
C THR A 153 0.30 -13.54 3.12
N VAL A 154 0.35 -14.86 3.17
CA VAL A 154 -0.41 -15.73 2.30
C VAL A 154 -1.89 -15.86 2.66
N PHE A 155 -2.79 -15.60 1.74
CA PHE A 155 -4.19 -15.80 2.00
C PHE A 155 -4.78 -16.91 1.12
N ARG A 156 -4.02 -17.33 0.14
CA ARG A 156 -4.48 -18.39 -0.73
C ARG A 156 -3.31 -19.29 -1.00
N TYR A 157 -3.50 -20.60 -0.84
CA TYR A 157 -2.43 -21.57 -1.11
C TYR A 157 -3.10 -22.84 -1.59
N ASN A 158 -2.53 -23.46 -2.62
CA ASN A 158 -3.21 -24.62 -3.27
C ASN A 158 -4.68 -24.42 -3.60
N ASN A 159 -4.96 -23.21 -4.02
CA ASN A 159 -6.28 -22.77 -4.35
C ASN A 159 -7.29 -22.73 -3.25
N ARG A 160 -6.86 -22.71 -1.98
CA ARG A 160 -7.79 -22.58 -0.90
C ARG A 160 -7.46 -21.32 -0.20
N GLU A 161 -8.52 -20.60 0.10
CA GLU A 161 -8.42 -19.31 0.73
C GLU A 161 -8.36 -19.56 2.21
N ARG A 162 -7.52 -18.84 2.92
CA ARG A 162 -7.60 -18.76 4.35
C ARG A 162 -7.97 -17.34 4.80
N LEU A 163 -8.84 -17.28 5.79
CA LEU A 163 -9.26 -16.03 6.38
C LEU A 163 -8.18 -15.47 7.27
N LEU A 164 -8.13 -14.16 7.39
CA LEU A 164 -7.17 -13.55 8.28
C LEU A 164 -7.81 -13.28 9.61
N ASN A 165 -7.00 -13.27 10.64
CA ASN A 165 -7.50 -12.94 11.95
C ASN A 165 -6.61 -11.94 12.73
N LYS A 166 -5.49 -11.52 12.20
CA LYS A 166 -4.65 -10.58 12.90
C LYS A 166 -5.12 -9.15 12.50
N MET A 167 -5.28 -8.26 13.49
CA MET A 167 -5.42 -6.84 13.23
C MET A 167 -4.03 -6.29 12.95
N CYS A 168 -3.86 -5.64 11.84
CA CYS A 168 -2.68 -4.87 11.62
C CYS A 168 -2.94 -3.85 10.51
N GLY A 169 -1.96 -2.99 10.25
CA GLY A 169 -2.11 -1.96 9.25
C GLY A 169 -2.02 -0.63 9.92
N THR A 170 -2.70 0.36 9.36
CA THR A 170 -2.66 1.71 9.82
C THR A 170 -4.09 2.14 9.91
N LEU A 171 -4.49 2.62 11.08
CA LEU A 171 -5.92 2.86 11.41
C LEU A 171 -6.74 3.59 10.34
N PRO A 172 -6.29 4.75 9.88
CA PRO A 172 -7.09 5.43 8.90
C PRO A 172 -7.23 4.67 7.52
N TYR A 173 -6.36 3.70 7.26
CA TYR A 173 -6.41 2.85 6.04
C TYR A 173 -7.11 1.52 6.18
N VAL A 174 -7.44 1.16 7.39
CA VAL A 174 -7.91 -0.15 7.72
C VAL A 174 -9.42 -0.22 7.47
N ALA A 175 -9.85 -1.34 6.89
CA ALA A 175 -11.29 -1.66 6.64
C ALA A 175 -12.04 -1.89 7.93
N PRO A 176 -13.33 -1.57 7.97
CA PRO A 176 -14.04 -1.60 9.26
C PRO A 176 -14.19 -3.03 9.80
N GLU A 177 -14.28 -4.01 8.91
CA GLU A 177 -14.38 -5.42 9.33
C GLU A 177 -13.21 -5.91 10.15
N LEU A 178 -12.03 -5.32 9.93
CA LEU A 178 -10.88 -5.75 10.67
C LEU A 178 -10.93 -5.28 12.12
N LEU A 179 -11.65 -4.20 12.36
CA LEU A 179 -11.94 -3.74 13.69
C LEU A 179 -13.06 -4.56 14.41
N LYS A 180 -13.90 -5.27 13.67
CA LYS A 180 -15.10 -5.88 14.26
C LYS A 180 -15.14 -7.38 14.19
N ARG A 181 -14.67 -7.97 13.12
CA ARG A 181 -14.83 -9.37 12.95
C ARG A 181 -13.65 -10.12 13.48
N ARG A 182 -13.89 -11.34 13.91
CA ARG A 182 -12.86 -12.18 14.44
C ARG A 182 -12.02 -12.70 13.29
N GLU A 183 -12.64 -12.91 12.13
CA GLU A 183 -11.92 -13.37 10.96
C GLU A 183 -12.49 -12.66 9.76
N PHE A 184 -11.71 -12.49 8.72
CA PHE A 184 -12.21 -11.81 7.52
C PHE A 184 -11.37 -12.13 6.31
N HIS A 185 -11.93 -11.79 5.16
CA HIS A 185 -11.29 -12.07 3.93
C HIS A 185 -10.19 -11.04 3.64
N ALA A 186 -9.06 -11.49 3.12
CA ALA A 186 -7.98 -10.57 2.81
C ALA A 186 -8.24 -9.54 1.70
N GLU A 187 -8.81 -9.98 0.59
CA GLU A 187 -8.84 -9.11 -0.58
C GLU A 187 -9.63 -7.83 -0.40
N PRO A 188 -10.82 -7.92 0.23
CA PRO A 188 -11.58 -6.76 0.39
C PRO A 188 -10.94 -5.72 1.31
N VAL A 189 -10.07 -6.16 2.25
CA VAL A 189 -9.34 -5.24 3.09
C VAL A 189 -8.32 -4.45 2.28
N ASP A 190 -7.59 -5.11 1.39
CA ASP A 190 -6.68 -4.35 0.51
C ASP A 190 -7.44 -3.41 -0.43
N VAL A 191 -8.62 -3.83 -0.93
CA VAL A 191 -9.44 -2.94 -1.78
C VAL A 191 -9.80 -1.64 -1.00
N TRP A 192 -10.22 -1.81 0.26
CA TRP A 192 -10.56 -0.66 1.15
C TRP A 192 -9.46 0.30 1.17
N SER A 193 -8.27 -0.20 1.49
CA SER A 193 -7.16 0.73 1.69
C SER A 193 -6.86 1.51 0.42
N CYS A 194 -6.93 0.83 -0.72
CA CYS A 194 -6.83 1.49 -1.98
C CYS A 194 -7.81 2.61 -2.15
N GLY A 195 -9.04 2.44 -1.67
CA GLY A 195 -9.97 3.54 -1.67
C GLY A 195 -9.63 4.72 -0.80
N ILE A 196 -9.02 4.46 0.33
CA ILE A 196 -8.50 5.53 1.15
C ILE A 196 -7.33 6.22 0.48
N VAL A 197 -6.45 5.48 -0.16
CA VAL A 197 -5.40 6.10 -0.89
C VAL A 197 -5.96 7.01 -1.99
N LEU A 198 -7.00 6.54 -2.69
CA LEU A 198 -7.56 7.37 -3.77
C LEU A 198 -8.15 8.67 -3.21
N THR A 199 -8.92 8.54 -2.12
CA THR A 199 -9.36 9.71 -1.35
C THR A 199 -8.24 10.69 -1.07
N ALA A 200 -7.13 10.18 -0.55
CA ALA A 200 -5.99 11.01 -0.24
C ALA A 200 -5.44 11.70 -1.42
N MET A 201 -5.30 10.98 -2.55
CA MET A 201 -4.82 11.58 -3.78
C MET A 201 -5.73 12.63 -4.30
N LEU A 202 -7.03 12.47 -4.16
CA LEU A 202 -7.92 13.43 -4.77
C LEU A 202 -8.34 14.61 -3.83
N ALA A 203 -8.05 14.47 -2.55
CA ALA A 203 -8.46 15.47 -1.57
C ALA A 203 -7.37 15.95 -0.66
N GLY A 204 -6.25 15.29 -0.65
CA GLY A 204 -5.16 15.69 0.18
C GLY A 204 -5.45 15.61 1.65
N GLU A 205 -6.32 14.70 2.07
CA GLU A 205 -6.65 14.50 3.46
C GLU A 205 -7.40 13.18 3.62
N LEU A 206 -7.27 12.60 4.82
CA LEU A 206 -7.82 11.32 5.11
C LEU A 206 -9.20 11.58 5.72
N PRO A 207 -10.15 10.75 5.39
CA PRO A 207 -11.53 11.04 5.81
C PRO A 207 -11.86 10.81 7.31
N TRP A 208 -11.17 9.86 7.93
CA TRP A 208 -11.41 9.56 9.28
C TRP A 208 -10.21 8.93 9.95
N ASP A 209 -10.19 9.03 11.27
CA ASP A 209 -9.10 8.44 12.05
C ASP A 209 -9.18 6.93 11.98
N GLN A 210 -10.41 6.45 12.00
CA GLN A 210 -10.65 5.02 11.84
C GLN A 210 -12.08 4.81 11.48
N PRO A 211 -12.40 3.65 10.84
CA PRO A 211 -13.76 3.42 10.39
C PRO A 211 -14.61 2.72 11.46
N SER A 212 -14.79 3.41 12.59
CA SER A 212 -15.63 2.83 13.64
C SER A 212 -16.74 3.81 13.98
N ASP A 213 -17.79 3.32 14.61
CA ASP A 213 -18.95 4.15 14.99
C ASP A 213 -18.64 5.26 15.96
N SER A 214 -17.60 5.08 16.78
CA SER A 214 -17.21 6.15 17.63
C SER A 214 -16.63 7.31 16.81
N CYS A 215 -16.46 7.14 15.49
CA CYS A 215 -15.85 8.18 14.67
C CYS A 215 -16.89 8.90 13.84
N GLN A 216 -17.12 10.17 14.16
CA GLN A 216 -18.20 10.93 13.55
C GLN A 216 -18.07 11.06 12.04
N GLU A 217 -16.85 11.26 11.57
CA GLU A 217 -16.64 11.44 10.14
C GLU A 217 -16.98 10.12 9.36
N TYR A 218 -16.72 8.99 9.97
CA TYR A 218 -17.12 7.74 9.39
C TYR A 218 -18.63 7.63 9.42
N SER A 219 -19.28 8.10 10.49
CA SER A 219 -20.78 8.07 10.50
C SER A 219 -21.36 8.94 9.44
N ASP A 220 -20.78 10.12 9.29
CA ASP A 220 -21.23 11.06 8.25
C ASP A 220 -21.21 10.45 6.90
N TRP A 221 -20.12 9.70 6.61
CA TRP A 221 -20.02 9.03 5.32
C TRP A 221 -21.04 7.91 5.15
N LYS A 222 -21.25 7.13 6.19
CA LYS A 222 -22.31 6.17 6.16
C LYS A 222 -23.70 6.80 5.94
N GLU A 223 -23.92 7.99 6.44
CA GLU A 223 -25.18 8.72 6.18
C GLU A 223 -25.15 9.45 4.86
N LYS A 224 -24.05 9.36 4.10
CA LYS A 224 -24.02 9.80 2.74
C LYS A 224 -23.89 11.34 2.70
N LYS A 225 -23.24 11.96 3.67
CA LYS A 225 -23.10 13.43 3.66
C LYS A 225 -21.87 13.90 2.88
N THR A 226 -21.95 13.74 1.58
CA THR A 226 -20.81 13.99 0.73
C THR A 226 -20.73 15.45 0.34
N TYR A 227 -21.68 16.22 0.81
CA TYR A 227 -21.51 17.68 0.83
C TYR A 227 -20.41 18.15 1.78
N LEU A 228 -19.92 17.29 2.69
CA LEU A 228 -18.79 17.61 3.60
C LEU A 228 -17.42 17.23 3.03
N ASN A 229 -16.34 17.75 3.61
CA ASN A 229 -14.95 17.34 3.22
C ASN A 229 -14.66 15.96 3.79
N PRO A 230 -13.90 15.09 3.14
CA PRO A 230 -13.14 15.40 1.93
C PRO A 230 -13.94 15.27 0.64
N TRP A 231 -15.15 14.73 0.72
CA TRP A 231 -15.93 14.29 -0.40
C TRP A 231 -16.29 15.44 -1.33
N LYS A 232 -16.55 16.62 -0.77
CA LYS A 232 -16.93 17.75 -1.57
C LYS A 232 -15.80 18.18 -2.50
N LYS A 233 -14.56 17.89 -2.16
CA LYS A 233 -13.45 18.17 -3.08
C LYS A 233 -13.31 17.23 -4.29
N ILE A 234 -14.09 16.17 -4.29
CA ILE A 234 -13.86 15.10 -5.26
C ILE A 234 -14.90 15.18 -6.36
N ASP A 235 -14.52 15.01 -7.61
CA ASP A 235 -15.49 15.11 -8.70
C ASP A 235 -16.45 13.94 -8.56
N SER A 236 -17.59 14.08 -9.19
CA SER A 236 -18.64 13.10 -9.09
C SER A 236 -18.29 11.67 -9.64
N ALA A 237 -17.49 11.59 -10.70
CA ALA A 237 -17.15 10.27 -11.23
C ALA A 237 -16.26 9.45 -10.20
N PRO A 238 -15.18 10.04 -9.71
CA PRO A 238 -14.37 9.26 -8.75
C PRO A 238 -15.04 9.02 -7.44
N LEU A 239 -15.85 9.99 -7.02
CA LEU A 239 -16.70 9.80 -5.83
C LEU A 239 -17.64 8.59 -5.95
N ALA A 240 -18.24 8.42 -7.10
CA ALA A 240 -19.06 7.27 -7.39
C ALA A 240 -18.24 6.00 -7.19
N LEU A 241 -16.95 5.99 -7.58
CA LEU A 241 -16.13 4.82 -7.34
C LEU A 241 -15.90 4.61 -5.84
N LEU A 242 -15.60 5.70 -5.17
CA LEU A 242 -15.36 5.65 -3.76
C LEU A 242 -16.57 5.13 -2.96
N HIS A 243 -17.79 5.41 -3.45
CA HIS A 243 -18.98 4.83 -2.88
C HIS A 243 -19.06 3.35 -3.03
N LYS A 244 -18.48 2.81 -4.09
CA LYS A 244 -18.48 1.37 -4.24
C LYS A 244 -17.38 0.68 -3.41
N ILE A 245 -16.28 1.38 -3.20
CA ILE A 245 -15.14 0.83 -2.46
C ILE A 245 -15.33 0.92 -1.01
N LEU A 246 -15.69 2.07 -0.55
CA LEU A 246 -15.80 2.30 0.89
C LEU A 246 -17.18 1.90 1.43
N VAL A 247 -17.50 0.66 1.17
CA VAL A 247 -18.75 0.03 1.58
C VAL A 247 -18.41 -0.81 2.82
N GLU A 248 -19.14 -0.60 3.91
CA GLU A 248 -18.88 -1.26 5.17
C GLU A 248 -18.89 -2.80 5.13
N ASN A 249 -19.87 -3.38 4.48
CA ASN A 249 -19.97 -4.80 4.39
C ASN A 249 -19.02 -5.34 3.33
N PRO A 250 -17.99 -6.09 3.74
CA PRO A 250 -17.02 -6.53 2.76
C PRO A 250 -17.61 -7.39 1.68
N SER A 251 -18.69 -8.11 1.96
CA SER A 251 -19.23 -8.95 0.92
C SER A 251 -20.02 -8.12 -0.14
N ALA A 252 -20.44 -6.91 0.18
CA ALA A 252 -21.06 -6.00 -0.85
C ALA A 252 -19.99 -5.06 -1.45
N ARG A 253 -18.79 -4.99 -0.88
CA ARG A 253 -17.77 -4.09 -1.41
C ARG A 253 -17.37 -4.51 -2.80
N ILE A 254 -17.05 -3.54 -3.68
CA ILE A 254 -16.68 -3.87 -5.05
C ILE A 254 -15.36 -4.60 -5.03
N THR A 255 -15.18 -5.44 -6.04
CA THR A 255 -14.02 -6.27 -6.18
C THR A 255 -13.16 -5.57 -7.27
N ILE A 256 -11.92 -5.95 -7.36
CA ILE A 256 -11.07 -5.35 -8.32
C ILE A 256 -11.55 -5.52 -9.79
N PRO A 257 -12.01 -6.74 -10.19
CA PRO A 257 -12.56 -6.86 -11.56
C PRO A 257 -13.61 -5.84 -11.87
N ASP A 258 -14.52 -5.60 -10.92
CA ASP A 258 -15.51 -4.57 -11.08
C ASP A 258 -15.00 -3.13 -11.05
N ILE A 259 -13.94 -2.88 -10.25
CA ILE A 259 -13.29 -1.59 -10.27
C ILE A 259 -12.82 -1.27 -11.68
N LYS A 260 -12.26 -2.27 -12.35
CA LYS A 260 -11.75 -2.12 -13.69
C LYS A 260 -12.84 -1.81 -14.70
N LYS A 261 -14.11 -2.00 -14.35
CA LYS A 261 -15.25 -1.60 -15.21
C LYS A 261 -15.84 -0.28 -14.84
N ASP A 262 -15.30 0.38 -13.81
CA ASP A 262 -15.91 1.62 -13.30
C ASP A 262 -15.74 2.72 -14.29
N ARG A 263 -16.71 3.60 -14.30
CA ARG A 263 -16.72 4.75 -15.21
C ARG A 263 -15.52 5.67 -15.12
N TRP A 264 -15.18 6.15 -13.92
CA TRP A 264 -14.03 6.98 -13.76
C TRP A 264 -12.75 6.24 -14.09
N TYR A 265 -12.65 4.99 -13.65
CA TYR A 265 -11.46 4.18 -13.94
C TYR A 265 -11.16 4.12 -15.45
N ASN A 266 -12.22 4.13 -16.21
CA ASN A 266 -12.14 4.09 -17.71
C ASN A 266 -12.27 5.43 -18.40
N LYS A 267 -12.23 6.51 -17.65
CA LYS A 267 -12.37 7.84 -18.26
C LYS A 267 -11.07 8.38 -18.84
N PRO A 268 -11.07 8.83 -20.13
CA PRO A 268 -9.82 9.39 -20.70
C PRO A 268 -9.53 10.73 -20.02
N LEU A 269 -8.33 10.93 -19.45
CA LEU A 269 -8.13 12.17 -18.71
C LEU A 269 -6.92 12.99 -19.13
N LYS A 270 -7.13 14.31 -19.13
CA LYS A 270 -6.14 15.43 -19.26
C LYS A 270 -6.74 16.47 -20.18
C1 A0Q B . 13.12 6.18 -1.41
C2 A0Q B . 12.54 5.22 -0.64
C3 A0Q B . 11.69 5.56 0.39
C4 A0Q B . 11.47 6.88 0.73
C5 A0Q B . 12.06 7.85 -0.03
C6 A0Q B . 12.90 7.49 -1.10
O7 A0Q B . 11.16 4.52 1.07
C8 A0Q B . 10.28 4.87 2.17
C9 A0Q B . 9.87 3.54 2.84
N10 A0Q B . 13.57 8.44 -1.86
C11 A0Q B . 12.79 3.80 -0.96
N12 A0Q B . 12.40 2.87 -0.09
O13 A0Q B . 13.36 3.51 -2.01
C14 A0Q B . 12.28 1.51 -0.32
C15 A0Q B . 12.70 0.91 -1.46
C16 A0Q B . 12.55 -0.44 -1.60
C17 A0Q B . 11.91 -1.15 -0.60
N18 A0Q B . 11.50 -0.54 0.48
C19 A0Q B . 11.68 0.75 0.67
C20 A0Q B . 8.73 2.84 2.41
C21 A0Q B . 8.41 1.61 2.97
C22 A0Q B . 9.18 1.08 4.00
C23 A0Q B . 10.29 1.78 4.43
C24 A0Q B . 10.65 2.99 3.86
C25 A0Q B . 14.80 7.96 -2.52
C26 A0Q B . 15.31 8.93 -3.55
N27 A0Q B . 15.23 10.29 -2.98
C28 A0Q B . 13.86 10.71 -2.66
C29 A0Q B . 13.36 9.87 -1.52
C30 A0Q B . 15.74 11.24 -3.98
#